data_6RSB
#
_entry.id   6RSB
#
_cell.length_a   42.979
_cell.length_b   89.112
_cell.length_c   174.641
_cell.angle_alpha   90.000
_cell.angle_beta   90.000
_cell.angle_gamma   90.000
#
_symmetry.space_group_name_H-M   'P 21 21 21'
#
loop_
_entity.id
_entity.type
_entity.pdbx_description
1 polymer 'Tyrosine-protein kinase JAK1'
2 non-polymer 1-[(3~{R},4~{R})-4-(cyanomethyl)-1-[[4-(cyclohexen-1-yl)phenyl]methyl]-3-fluoranyl-piperidin-4-yl]-3-(cyclopropylcarbonylamino)pyrazole-4-carboxamide
3 water water
#
_entity_poly.entity_id   1
_entity_poly.type   'polypeptide(L)'
_entity_poly.pdbx_seq_one_letter_code
;GDIVSEKKPATEVDPTHFEKRFLKRIRDLGEGHFGKVELCRYDPEGDNTGEQVAVKSLKPESGGNHIADLKKEIEILRNL
YHENIVKYKGICTEDGGNGIKLIMEFLPSGSLKEYLPKNKNKINLKQQLKYAVQICKGMDYLGSRQYVHRDLAARNVLVE
SEHQVKIGDFGLTKAIETDKE(PTR)(PTR)TVKDDRDSPVFWYAPECLMQSKFYIASDVWSFGVTLHELLTYCDSDSSP
MALFLKMIGPTHGQMTVTRLVNTLKEGKRLPCPPNCPDEVYQLMRKCWEFQPSNRTSFQNLIEGFEALLK
;
_entity_poly.pdbx_strand_id   A,B
#
loop_
_chem_comp.id
_chem_comp.type
_chem_comp.name
_chem_comp.formula
KGZ non-polymer 1-[(3~{R},4~{R})-4-(cyanomethyl)-1-[[4-(cyclohexen-1-yl)phenyl]methyl]-3-fluoranyl-piperidin-4-yl]-3-(cyclopropylcarbonylamino)pyrazole-4-carboxamide 'C28 H33 F N6 O2'
#
# COMPACT_ATOMS: atom_id res chain seq x y z
N VAL A 13 46.83 6.74 21.01
CA VAL A 13 45.66 7.12 20.16
C VAL A 13 44.89 5.86 19.80
N ASP A 14 43.57 5.97 19.79
CA ASP A 14 42.67 4.92 19.28
C ASP A 14 42.53 5.14 17.78
N PRO A 15 42.96 4.17 16.95
CA PRO A 15 42.91 4.26 15.49
C PRO A 15 41.49 4.05 14.94
N THR A 16 40.52 3.59 15.74
CA THR A 16 39.07 3.63 15.38
C THR A 16 38.39 4.95 15.83
N HIS A 17 39.13 5.91 16.40
CA HIS A 17 38.62 7.25 16.81
C HIS A 17 38.98 8.29 15.73
N PHE A 18 37.98 8.85 15.03
CA PHE A 18 38.16 9.89 13.96
C PHE A 18 37.70 11.25 14.50
N GLU A 19 38.61 12.20 14.63
CA GLU A 19 38.32 13.57 15.12
C GLU A 19 37.56 14.32 14.01
N LYS A 20 36.40 14.87 14.34
CA LYS A 20 35.53 15.65 13.43
C LYS A 20 36.34 16.75 12.72
N ARG A 21 37.28 17.39 13.42
CA ARG A 21 38.01 18.54 12.85
C ARG A 21 38.86 18.08 11.65
N PHE A 22 39.14 16.78 11.49
CA PHE A 22 40.01 16.28 10.40
C PHE A 22 39.20 15.55 9.31
N LEU A 23 37.88 15.38 9.47
CA LEU A 23 37.04 14.54 8.57
C LEU A 23 36.43 15.49 7.53
N LYS A 24 37.06 15.68 6.38
CA LYS A 24 36.65 16.74 5.42
C LYS A 24 35.66 16.08 4.46
N ARG A 25 34.36 16.48 4.52
CA ARG A 25 33.28 16.01 3.63
C ARG A 25 33.67 16.28 2.15
N ILE A 26 33.49 15.30 1.26
CA ILE A 26 33.66 15.50 -0.21
C ILE A 26 32.28 15.46 -0.88
N ARG A 27 31.58 14.33 -0.90
CA ARG A 27 30.27 14.30 -1.61
C ARG A 27 29.43 13.14 -1.09
N ASP A 28 28.13 13.17 -1.41
CA ASP A 28 27.17 12.13 -0.98
C ASP A 28 27.40 10.88 -1.83
N LEU A 29 27.32 9.73 -1.22
CA LEU A 29 27.28 8.45 -1.97
C LEU A 29 25.85 7.92 -1.99
N GLY A 30 25.10 8.15 -0.92
CA GLY A 30 23.76 7.58 -0.76
C GLY A 30 22.93 8.33 0.24
N GLU A 31 21.61 8.20 0.13
CA GLU A 31 20.57 8.84 0.98
C GLU A 31 19.56 7.75 1.33
N GLY A 32 18.85 7.81 2.46
CA GLY A 32 18.03 6.65 2.88
C GLY A 32 17.78 6.54 4.38
N HIS A 33 16.54 6.22 4.77
CA HIS A 33 16.08 6.07 6.17
C HIS A 33 16.60 7.22 7.06
N PHE A 34 16.35 8.49 6.69
CA PHE A 34 16.57 9.67 7.57
C PHE A 34 18.08 9.95 7.72
N GLY A 35 18.86 9.46 6.78
CA GLY A 35 20.33 9.63 6.87
C GLY A 35 21.03 9.49 5.55
N LYS A 36 22.35 9.48 5.63
CA LYS A 36 23.16 9.52 4.39
C LYS A 36 24.51 8.81 4.60
N VAL A 37 25.03 8.27 3.51
CA VAL A 37 26.44 7.82 3.39
C VAL A 37 27.13 8.85 2.50
N GLU A 38 28.23 9.41 3.02
CA GLU A 38 29.08 10.41 2.36
C GLU A 38 30.54 9.95 2.20
N LEU A 39 31.14 10.37 1.09
CA LEU A 39 32.60 10.22 0.89
C LEU A 39 33.27 11.39 1.60
N CYS A 40 34.18 11.12 2.54
CA CYS A 40 34.97 12.11 3.31
C CYS A 40 36.44 11.72 3.16
N ARG A 41 37.34 12.66 3.33
CA ARG A 41 38.76 12.27 3.49
C ARG A 41 39.16 12.62 4.93
N TYR A 42 39.72 11.67 5.67
CA TYR A 42 40.35 11.85 6.98
C TYR A 42 41.78 12.37 6.78
N ASP A 43 42.00 13.68 7.05
CA ASP A 43 43.23 14.42 6.66
C ASP A 43 43.87 15.14 7.84
N PRO A 44 44.33 14.42 8.87
CA PRO A 44 44.97 15.09 10.01
C PRO A 44 46.21 15.93 9.65
N GLU A 45 46.88 15.62 8.52
CA GLU A 45 48.07 16.42 8.11
C GLU A 45 47.67 17.66 7.30
N GLY A 46 46.44 17.74 6.81
CA GLY A 46 45.92 19.00 6.24
C GLY A 46 46.42 19.25 4.83
N ASP A 47 46.92 18.21 4.15
CA ASP A 47 47.55 18.31 2.80
C ASP A 47 46.83 17.42 1.79
N ASN A 48 45.60 16.96 2.05
CA ASN A 48 44.79 16.18 1.07
C ASN A 48 45.46 14.83 0.81
N THR A 49 46.31 14.33 1.72
CA THR A 49 46.98 13.03 1.56
C THR A 49 46.38 11.93 2.43
N GLY A 50 45.42 12.23 3.31
CA GLY A 50 44.77 11.23 4.18
C GLY A 50 43.86 10.27 3.42
N GLU A 51 43.46 9.19 4.05
CA GLU A 51 42.64 8.15 3.39
C GLU A 51 41.20 8.65 3.12
N GLN A 52 40.61 8.24 2.01
CA GLN A 52 39.15 8.37 1.75
C GLN A 52 38.40 7.33 2.58
N VAL A 53 37.25 7.72 3.16
CA VAL A 53 36.40 6.84 3.99
C VAL A 53 34.93 7.12 3.65
N ALA A 54 34.08 6.10 3.76
CA ALA A 54 32.61 6.28 3.69
C ALA A 54 32.09 6.52 5.11
N VAL A 55 31.25 7.55 5.20
CA VAL A 55 30.69 8.05 6.47
C VAL A 55 29.18 7.96 6.46
N LYS A 56 28.63 7.09 7.32
CA LYS A 56 27.16 7.10 7.55
C LYS A 56 26.79 7.96 8.78
N SER A 57 25.74 8.77 8.62
CA SER A 57 25.18 9.59 9.71
C SER A 57 23.72 9.95 9.41
N LEU A 58 22.98 10.25 10.48
CA LEU A 58 21.57 10.65 10.45
C LEU A 58 21.49 12.14 10.13
N LYS A 59 20.44 12.60 9.43
CA LYS A 59 20.11 14.06 9.40
C LYS A 59 19.70 14.51 10.80
N PRO A 60 19.93 15.79 11.13
CA PRO A 60 19.42 16.41 12.38
C PRO A 60 17.98 16.04 12.76
N GLU A 61 17.11 15.87 11.76
CA GLU A 61 15.72 15.31 11.84
C GLU A 61 15.52 14.37 13.05
N SER A 62 15.84 13.06 12.87
CA SER A 62 15.74 11.92 13.84
C SER A 62 14.38 11.85 14.58
N GLY A 63 14.22 10.97 15.58
CA GLY A 63 12.98 10.76 16.36
C GLY A 63 12.78 9.30 16.78
N GLY A 64 11.68 8.66 16.31
CA GLY A 64 11.35 7.21 16.45
C GLY A 64 12.57 6.30 16.28
N ASN A 65 13.12 5.84 17.40
CA ASN A 65 14.56 5.95 17.78
C ASN A 65 15.52 5.61 16.64
N HIS A 66 15.71 6.58 15.74
CA HIS A 66 16.69 6.50 14.63
C HIS A 66 18.09 6.39 15.25
N ILE A 67 18.40 7.17 16.29
CA ILE A 67 19.76 7.17 16.91
C ILE A 67 20.04 5.79 17.51
N ALA A 68 19.17 5.29 18.38
CA ALA A 68 19.42 3.99 19.03
C ALA A 68 19.63 2.94 17.91
N ASP A 69 18.90 3.04 16.79
CA ASP A 69 19.07 2.04 15.71
C ASP A 69 20.44 2.18 15.03
N LEU A 70 20.96 3.38 14.78
CA LEU A 70 22.29 3.56 14.14
C LEU A 70 23.37 3.03 15.08
N LYS A 71 23.28 3.38 16.36
CA LYS A 71 24.18 2.89 17.43
C LYS A 71 24.18 1.36 17.43
N LYS A 72 23.02 0.72 17.25
CA LYS A 72 22.96 -0.77 17.15
C LYS A 72 23.66 -1.24 15.87
N GLU A 73 23.49 -0.49 14.79
CA GLU A 73 24.05 -0.91 13.50
C GLU A 73 25.58 -0.82 13.58
N ILE A 74 26.10 0.25 14.21
CA ILE A 74 27.56 0.42 14.50
C ILE A 74 28.08 -0.82 15.24
N GLU A 75 27.39 -1.23 16.29
CA GLU A 75 27.84 -2.32 17.18
C GLU A 75 27.77 -3.64 16.38
N ILE A 76 26.85 -3.73 15.40
CA ILE A 76 26.73 -4.92 14.52
C ILE A 76 27.96 -4.98 13.60
N LEU A 77 28.25 -3.92 12.85
CA LEU A 77 29.31 -3.90 11.83
C LEU A 77 30.67 -4.02 12.49
N ARG A 78 30.83 -3.41 13.68
CA ARG A 78 32.12 -3.37 14.41
C ARG A 78 32.60 -4.80 14.66
N ASN A 79 31.71 -5.70 15.01
CA ASN A 79 32.08 -7.09 15.43
C ASN A 79 31.81 -8.09 14.30
N LEU A 80 31.59 -7.66 13.07
CA LEU A 80 31.61 -8.52 11.86
C LEU A 80 33.00 -8.43 11.19
N TYR A 81 33.61 -9.59 10.93
CA TYR A 81 34.93 -9.75 10.24
C TYR A 81 34.74 -10.88 9.20
N HIS A 82 34.61 -10.57 7.92
CA HIS A 82 34.50 -11.58 6.84
C HIS A 82 34.99 -10.89 5.57
N GLU A 83 35.72 -11.61 4.69
CA GLU A 83 36.27 -10.98 3.45
C GLU A 83 35.17 -10.47 2.50
N ASN A 84 33.91 -10.90 2.64
CA ASN A 84 32.74 -10.42 1.84
C ASN A 84 31.81 -9.51 2.66
N ILE A 85 32.34 -8.86 3.69
CA ILE A 85 31.62 -7.83 4.45
C ILE A 85 32.55 -6.61 4.52
N VAL A 86 31.93 -5.50 4.23
CA VAL A 86 32.65 -4.17 4.19
C VAL A 86 33.29 -3.96 5.59
N LYS A 87 34.49 -3.38 5.61
CA LYS A 87 35.28 -3.18 6.87
C LYS A 87 34.81 -1.93 7.62
N TYR A 88 34.42 -2.12 8.87
CA TYR A 88 34.41 -1.07 9.92
C TYR A 88 35.81 -0.47 10.06
N LYS A 89 35.88 0.87 10.17
CA LYS A 89 37.12 1.60 10.52
C LYS A 89 37.00 2.39 11.82
N GLY A 90 35.85 2.92 12.18
CA GLY A 90 35.68 3.50 13.51
C GLY A 90 34.45 4.37 13.60
N ILE A 91 34.49 5.37 14.48
CA ILE A 91 33.33 6.26 14.71
C ILE A 91 33.86 7.69 14.86
N CYS A 92 33.00 8.66 14.58
CA CYS A 92 33.20 10.09 14.90
C CYS A 92 32.07 10.54 15.84
N THR A 93 32.37 10.96 17.08
CA THR A 93 31.33 11.42 18.05
C THR A 93 31.26 12.94 18.15
N GLU A 94 30.09 13.43 18.60
CA GLU A 94 29.66 14.85 18.72
C GLU A 94 28.29 14.86 19.42
N GLY A 99 26.05 13.66 17.65
CA GLY A 99 25.48 12.95 16.50
C GLY A 99 26.50 11.99 15.89
N ILE A 100 26.44 10.69 16.25
CA ILE A 100 27.57 9.76 16.03
C ILE A 100 27.66 9.45 14.54
N LYS A 101 28.86 9.17 14.03
CA LYS A 101 29.02 8.76 12.62
C LYS A 101 29.78 7.46 12.57
N LEU A 102 29.29 6.55 11.73
CA LEU A 102 29.98 5.28 11.44
C LEU A 102 30.97 5.51 10.29
N ILE A 103 32.23 5.16 10.51
CA ILE A 103 33.28 5.27 9.47
C ILE A 103 33.55 3.88 8.86
N MET A 104 33.53 3.74 7.53
CA MET A 104 33.76 2.43 6.87
C MET A 104 34.81 2.61 5.79
N GLU A 105 35.31 1.49 5.26
CA GLU A 105 36.22 1.60 4.08
C GLU A 105 35.43 2.09 2.87
N PHE A 106 36.07 2.93 2.04
CA PHE A 106 35.54 3.36 0.75
C PHE A 106 36.00 2.46 -0.39
N LEU A 107 35.02 1.98 -1.14
CA LEU A 107 35.16 1.07 -2.30
C LEU A 107 34.82 1.90 -3.53
N PRO A 108 35.85 2.50 -4.17
CA PRO A 108 35.62 3.41 -5.31
C PRO A 108 34.86 2.82 -6.53
N SER A 109 34.77 1.50 -6.66
CA SER A 109 33.96 0.85 -7.73
C SER A 109 32.46 0.90 -7.42
N GLY A 110 32.06 1.21 -6.19
CA GLY A 110 30.66 1.27 -5.76
C GLY A 110 29.97 -0.10 -5.83
N SER A 111 28.64 -0.04 -5.97
CA SER A 111 27.75 -1.21 -5.91
C SER A 111 27.78 -1.90 -7.26
N LEU A 112 27.29 -3.11 -7.30
CA LEU A 112 26.95 -3.79 -8.55
C LEU A 112 26.08 -2.92 -9.46
N LYS A 113 25.12 -2.20 -8.90
CA LYS A 113 24.23 -1.32 -9.67
C LYS A 113 25.07 -0.31 -10.48
N GLU A 114 26.18 0.26 -9.96
CA GLU A 114 27.04 1.23 -10.71
C GLU A 114 27.97 0.44 -11.65
N TYR A 115 28.48 -0.68 -11.20
CA TYR A 115 29.68 -1.30 -11.77
C TYR A 115 29.30 -2.21 -12.93
N LEU A 116 28.32 -3.07 -12.72
CA LEU A 116 27.98 -4.07 -13.74
C LEU A 116 27.62 -3.42 -15.08
N PRO A 117 26.76 -2.38 -15.18
CA PRO A 117 26.44 -1.86 -16.51
C PRO A 117 27.72 -1.45 -17.25
N LYS A 118 28.76 -1.01 -16.54
CA LYS A 118 29.99 -0.46 -17.17
C LYS A 118 31.01 -1.55 -17.53
N ASN A 119 30.81 -2.81 -17.11
CA ASN A 119 31.91 -3.80 -17.10
C ASN A 119 31.40 -5.14 -17.64
N LYS A 120 30.35 -5.07 -18.48
CA LYS A 120 29.68 -6.27 -19.03
C LYS A 120 30.72 -7.10 -19.75
N ASN A 121 31.60 -6.43 -20.51
CA ASN A 121 32.61 -7.07 -21.37
C ASN A 121 33.60 -7.91 -20.54
N LYS A 122 33.90 -7.48 -19.33
CA LYS A 122 34.94 -8.10 -18.46
C LYS A 122 34.26 -9.06 -17.49
N ILE A 123 32.95 -9.03 -17.31
CA ILE A 123 32.25 -9.85 -16.26
C ILE A 123 31.39 -10.87 -16.99
N ASN A 124 31.89 -12.09 -17.16
CA ASN A 124 31.20 -13.19 -17.87
C ASN A 124 30.48 -14.05 -16.82
N LEU A 125 29.79 -15.10 -17.25
CA LEU A 125 28.95 -15.90 -16.38
C LEU A 125 29.81 -16.44 -15.21
N LYS A 126 31.02 -16.93 -15.48
CA LYS A 126 31.92 -17.53 -14.47
C LYS A 126 32.17 -16.48 -13.36
N GLN A 127 32.45 -15.24 -13.74
CA GLN A 127 32.68 -14.19 -12.71
C GLN A 127 31.37 -13.93 -11.95
N GLN A 128 30.21 -13.88 -12.61
CA GLN A 128 28.92 -13.63 -11.94
C GLN A 128 28.66 -14.78 -10.92
N LEU A 129 28.90 -16.04 -11.26
CA LEU A 129 28.72 -17.17 -10.29
C LEU A 129 29.68 -17.05 -9.07
N LYS A 130 30.93 -16.64 -9.28
CA LYS A 130 31.92 -16.36 -8.18
C LYS A 130 31.39 -15.26 -7.27
N TYR A 131 30.85 -14.19 -7.83
CA TYR A 131 30.29 -13.10 -7.01
C TYR A 131 29.09 -13.65 -6.22
N ALA A 132 28.28 -14.50 -6.85
CA ALA A 132 27.10 -15.12 -6.22
C ALA A 132 27.59 -15.89 -4.99
N VAL A 133 28.65 -16.67 -5.16
CA VAL A 133 29.19 -17.51 -4.05
C VAL A 133 29.67 -16.57 -2.94
N GLN A 134 30.30 -15.47 -3.26
CA GLN A 134 30.88 -14.53 -2.26
C GLN A 134 29.75 -13.83 -1.47
N ILE A 135 28.70 -13.38 -2.13
CA ILE A 135 27.49 -12.86 -1.43
C ILE A 135 26.93 -13.95 -0.50
N CYS A 136 26.74 -15.16 -0.98
CA CYS A 136 26.19 -16.25 -0.12
C CYS A 136 27.07 -16.54 1.12
N LYS A 137 28.39 -16.58 0.95
CA LYS A 137 29.35 -16.79 2.05
C LYS A 137 29.15 -15.66 3.06
N GLY A 138 29.04 -14.40 2.61
CA GLY A 138 28.78 -13.26 3.50
C GLY A 138 27.51 -13.42 4.28
N MET A 139 26.44 -13.81 3.58
CA MET A 139 25.07 -13.89 4.10
C MET A 139 25.05 -15.07 5.06
N ASP A 140 25.74 -16.17 4.75
CA ASP A 140 25.74 -17.35 5.62
C ASP A 140 26.52 -16.97 6.88
N TYR A 141 27.59 -16.19 6.76
CA TYR A 141 28.30 -15.72 7.97
C TYR A 141 27.36 -14.89 8.88
N LEU A 142 26.50 -14.07 8.28
CA LEU A 142 25.61 -13.16 9.06
C LEU A 142 24.55 -14.01 9.71
N GLY A 143 24.03 -15.00 8.99
CA GLY A 143 23.08 -15.96 9.56
C GLY A 143 23.66 -16.73 10.70
N SER A 144 24.95 -17.00 10.66
CA SER A 144 25.63 -17.85 11.68
C SER A 144 25.69 -17.10 13.01
N ARG A 145 25.67 -15.77 12.96
CA ARG A 145 25.73 -14.81 14.08
C ARG A 145 24.32 -14.34 14.49
N GLN A 146 23.29 -14.91 13.88
CA GLN A 146 21.89 -14.82 14.37
C GLN A 146 21.27 -13.52 13.84
N TYR A 147 21.76 -12.97 12.73
CA TYR A 147 21.23 -11.75 12.12
C TYR A 147 20.44 -12.08 10.85
N VAL A 148 19.33 -11.39 10.71
CA VAL A 148 18.58 -11.27 9.44
C VAL A 148 18.92 -9.91 8.83
N HIS A 149 19.26 -9.84 7.54
CA HIS A 149 19.76 -8.61 6.86
C HIS A 149 18.62 -7.66 6.43
N ARG A 150 17.60 -8.20 5.76
CA ARG A 150 16.34 -7.50 5.39
C ARG A 150 16.54 -6.46 4.26
N ASP A 151 17.68 -6.38 3.60
CA ASP A 151 17.90 -5.32 2.57
C ASP A 151 18.95 -5.77 1.53
N LEU A 152 18.93 -7.09 1.24
CA LEU A 152 19.93 -7.70 0.33
C LEU A 152 19.45 -7.36 -1.08
N ALA A 153 20.17 -6.45 -1.73
CA ALA A 153 19.90 -6.02 -3.12
C ALA A 153 21.24 -5.63 -3.76
N ALA A 154 21.34 -5.61 -5.09
CA ALA A 154 22.61 -5.33 -5.79
C ALA A 154 23.17 -3.94 -5.37
N ARG A 155 22.31 -3.00 -5.02
CA ARG A 155 22.69 -1.59 -4.62
C ARG A 155 23.49 -1.62 -3.29
N ASN A 156 23.37 -2.72 -2.52
CA ASN A 156 24.07 -2.93 -1.23
C ASN A 156 25.22 -3.93 -1.34
N VAL A 157 25.57 -4.36 -2.56
CA VAL A 157 26.71 -5.25 -2.81
C VAL A 157 27.80 -4.42 -3.44
N LEU A 158 28.93 -4.31 -2.74
CA LEU A 158 29.98 -3.37 -3.17
C LEU A 158 31.07 -4.16 -3.90
N VAL A 159 31.70 -3.52 -4.86
CA VAL A 159 32.80 -4.10 -5.67
C VAL A 159 34.14 -3.64 -5.09
N GLU A 160 34.90 -4.58 -4.55
CA GLU A 160 36.29 -4.41 -4.06
C GLU A 160 37.27 -4.36 -5.24
N SER A 161 37.05 -5.26 -6.20
CA SER A 161 37.88 -5.44 -7.41
C SER A 161 37.04 -6.24 -8.39
N GLU A 162 37.55 -6.49 -9.58
CA GLU A 162 36.81 -7.36 -10.52
C GLU A 162 36.66 -8.77 -9.92
N HIS A 163 37.45 -9.19 -8.93
CA HIS A 163 37.38 -10.58 -8.39
C HIS A 163 36.68 -10.64 -7.02
N GLN A 164 36.24 -9.52 -6.41
CA GLN A 164 35.72 -9.63 -5.01
C GLN A 164 34.59 -8.63 -4.79
N VAL A 165 33.47 -9.11 -4.25
CA VAL A 165 32.40 -8.23 -3.72
C VAL A 165 32.24 -8.35 -2.20
N LYS A 166 31.65 -7.30 -1.59
CA LYS A 166 31.35 -7.23 -0.16
C LYS A 166 29.95 -6.61 0.02
N ILE A 167 29.21 -7.23 0.90
CA ILE A 167 27.94 -6.68 1.42
C ILE A 167 28.33 -5.41 2.20
N GLY A 168 27.78 -4.27 1.77
CA GLY A 168 28.25 -2.86 2.03
C GLY A 168 27.31 -2.01 2.84
N ASP A 169 26.17 -2.53 3.28
CA ASP A 169 25.23 -1.72 4.12
C ASP A 169 24.47 -2.63 5.05
N PHE A 170 24.28 -2.25 6.32
CA PHE A 170 23.63 -3.07 7.37
C PHE A 170 22.48 -2.35 8.08
N GLY A 171 21.92 -1.35 7.45
CA GLY A 171 21.02 -0.39 8.12
C GLY A 171 19.68 -1.00 8.52
N LEU A 172 19.31 -2.20 8.04
CA LEU A 172 18.02 -2.84 8.43
C LEU A 172 18.30 -4.14 9.19
N THR A 173 19.57 -4.50 9.36
CA THR A 173 20.00 -5.72 10.07
C THR A 173 19.46 -5.80 11.50
N LYS A 174 18.82 -6.94 11.82
CA LYS A 174 18.29 -7.22 13.17
C LYS A 174 18.78 -8.59 13.61
N ALA A 175 18.94 -8.74 14.92
CA ALA A 175 19.26 -9.99 15.63
C ALA A 175 17.97 -10.80 15.75
N ILE A 176 17.98 -12.09 15.39
CA ILE A 176 16.88 -13.01 15.76
C ILE A 176 17.13 -13.45 17.21
N GLU A 177 16.17 -13.29 18.08
CA GLU A 177 16.31 -13.77 19.48
C GLU A 177 16.56 -15.32 19.44
N THR A 178 17.45 -15.74 20.41
CA THR A 178 17.76 -17.18 20.64
C THR A 178 16.45 -17.95 20.85
N ASP A 179 16.35 -19.15 20.26
CA ASP A 179 15.15 -20.01 20.37
C ASP A 179 13.95 -19.39 19.61
N LYS A 180 14.20 -18.48 18.67
CA LYS A 180 13.13 -17.92 17.78
C LYS A 180 13.61 -18.04 16.33
N GLU A 181 12.70 -18.18 15.37
CA GLU A 181 13.02 -18.34 13.91
C GLU A 181 12.92 -17.04 13.13
N PTR A 182 12.32 -16.00 13.70
CA PTR A 182 12.16 -14.78 12.90
C PTR A 182 12.10 -13.54 13.75
O PTR A 182 11.88 -13.61 14.96
CB PTR A 182 10.89 -14.88 12.05
CG PTR A 182 9.63 -15.02 12.84
CD1 PTR A 182 8.99 -16.25 13.03
CD2 PTR A 182 9.05 -13.90 13.44
CE1 PTR A 182 7.82 -16.36 13.76
CE2 PTR A 182 7.90 -13.99 14.18
CZ PTR A 182 7.29 -15.22 14.34
OH PTR A 182 6.12 -15.15 15.07
P PTR A 182 5.44 -16.31 15.87
O1P PTR A 182 4.22 -15.75 16.64
O2P PTR A 182 6.42 -16.92 16.84
O3P PTR A 182 5.03 -17.35 14.75
N PTR A 183 12.21 -12.39 13.07
CA PTR A 183 12.03 -11.09 13.68
C PTR A 183 10.84 -10.33 13.06
O PTR A 183 10.79 -10.10 11.84
CB PTR A 183 13.35 -10.34 13.55
CG PTR A 183 13.27 -8.95 14.12
CD1 PTR A 183 12.96 -7.90 13.28
CD2 PTR A 183 13.45 -8.71 15.48
CE1 PTR A 183 12.84 -6.62 13.75
CE2 PTR A 183 13.33 -7.43 15.99
CZ PTR A 183 13.03 -6.41 15.09
OH PTR A 183 12.88 -5.07 15.28
P PTR A 183 13.07 -4.28 16.63
O1P PTR A 183 12.08 -3.17 16.38
O2P PTR A 183 12.77 -5.06 17.90
O3P PTR A 183 14.51 -3.85 16.57
N THR A 184 9.93 -9.86 13.92
CA THR A 184 8.79 -9.07 13.50
C THR A 184 9.13 -7.56 13.49
N VAL A 185 8.91 -6.90 12.33
CA VAL A 185 9.23 -5.46 12.21
C VAL A 185 7.94 -4.64 12.40
N LYS A 186 8.07 -3.48 13.01
CA LYS A 186 7.00 -2.48 13.18
C LYS A 186 7.22 -1.39 12.13
N ASP A 187 8.47 -0.99 11.90
CA ASP A 187 8.82 0.28 11.22
C ASP A 187 9.14 -0.04 9.76
N ASP A 188 8.31 0.51 8.86
CA ASP A 188 7.70 -0.17 7.69
C ASP A 188 7.71 0.71 6.44
N ARG A 189 7.32 1.97 6.60
CA ARG A 189 7.51 3.11 5.66
C ARG A 189 8.25 2.64 4.38
N ASP A 190 9.56 2.44 4.45
CA ASP A 190 10.43 2.50 3.23
C ASP A 190 10.89 1.10 2.77
N SER A 191 10.12 0.06 3.02
CA SER A 191 10.44 -1.35 2.64
C SER A 191 10.78 -1.49 1.15
N PRO A 192 11.87 -2.20 0.78
CA PRO A 192 12.11 -2.61 -0.61
C PRO A 192 11.25 -3.82 -1.00
N VAL A 193 9.97 -3.59 -1.24
CA VAL A 193 8.95 -4.69 -1.31
C VAL A 193 9.20 -5.64 -2.50
N PHE A 194 9.84 -5.16 -3.57
CA PHE A 194 10.11 -5.96 -4.82
C PHE A 194 11.23 -6.98 -4.56
N TRP A 195 11.83 -6.93 -3.36
CA TRP A 195 12.89 -7.88 -2.93
C TRP A 195 12.41 -8.77 -1.79
N TYR A 196 11.17 -8.60 -1.31
CA TYR A 196 10.65 -9.19 -0.05
C TYR A 196 9.86 -10.47 -0.36
N ALA A 197 10.14 -11.47 0.48
CA ALA A 197 9.40 -12.75 0.59
C ALA A 197 7.94 -12.50 1.00
N PRO A 198 7.01 -13.38 0.62
CA PRO A 198 5.58 -13.20 0.94
C PRO A 198 5.26 -12.99 2.42
N GLU A 199 5.94 -13.69 3.34
CA GLU A 199 5.78 -13.56 4.82
C GLU A 199 6.17 -12.16 5.31
N CYS A 200 7.10 -11.49 4.63
CA CYS A 200 7.56 -10.11 4.95
C CYS A 200 6.45 -9.14 4.55
N LEU A 201 5.87 -9.34 3.37
CA LEU A 201 4.85 -8.42 2.82
C LEU A 201 3.53 -8.64 3.59
N MET A 202 3.18 -9.88 3.86
CA MET A 202 1.86 -10.20 4.44
C MET A 202 1.89 -9.99 5.96
N GLN A 203 3.03 -10.23 6.62
CA GLN A 203 3.04 -10.38 8.11
C GLN A 203 4.21 -9.66 8.79
N SER A 204 5.02 -8.91 8.04
CA SER A 204 6.26 -8.21 8.45
C SER A 204 7.15 -9.11 9.33
N LYS A 205 7.22 -10.40 9.01
CA LYS A 205 8.10 -11.38 9.69
C LYS A 205 9.26 -11.66 8.77
N PHE A 206 10.48 -11.52 9.28
CA PHE A 206 11.77 -11.77 8.60
C PHE A 206 12.55 -12.95 9.25
N TYR A 207 12.63 -14.06 8.49
CA TYR A 207 13.45 -15.26 8.75
C TYR A 207 14.74 -15.18 7.95
N ILE A 208 15.65 -16.12 8.24
CA ILE A 208 16.85 -16.29 7.37
C ILE A 208 16.37 -16.69 5.94
N ALA A 209 15.38 -17.55 5.82
CA ALA A 209 14.83 -17.98 4.51
C ALA A 209 14.33 -16.74 3.77
N SER A 210 14.05 -15.64 4.48
CA SER A 210 13.59 -14.37 3.84
C SER A 210 14.78 -13.73 3.15
N ASP A 211 15.97 -13.74 3.77
CA ASP A 211 17.26 -13.32 3.17
C ASP A 211 17.53 -14.17 1.91
N VAL A 212 17.23 -15.48 1.88
CA VAL A 212 17.43 -16.31 0.66
C VAL A 212 16.54 -15.80 -0.48
N TRP A 213 15.29 -15.52 -0.18
CA TRP A 213 14.35 -15.01 -1.19
C TRP A 213 15.02 -13.78 -1.82
N SER A 214 15.43 -12.86 -0.96
CA SER A 214 16.04 -11.60 -1.43
C SER A 214 17.31 -11.89 -2.27
N PHE A 215 18.06 -12.90 -1.85
CA PHE A 215 19.29 -13.29 -2.55
C PHE A 215 18.94 -13.72 -3.98
N GLY A 216 17.89 -14.51 -4.16
CA GLY A 216 17.34 -14.88 -5.48
C GLY A 216 17.12 -13.67 -6.38
N VAL A 217 16.50 -12.63 -5.82
CA VAL A 217 16.22 -11.34 -6.54
C VAL A 217 17.54 -10.67 -6.87
N THR A 218 18.52 -10.70 -5.98
CA THR A 218 19.82 -9.99 -6.16
C THR A 218 20.58 -10.74 -7.26
N LEU A 219 20.48 -12.08 -7.31
CA LEU A 219 21.07 -12.90 -8.40
C LEU A 219 20.45 -12.56 -9.74
N HIS A 220 19.12 -12.40 -9.80
CA HIS A 220 18.42 -11.94 -11.01
C HIS A 220 19.05 -10.63 -11.50
N GLU A 221 19.27 -9.68 -10.59
CA GLU A 221 19.88 -8.37 -10.90
C GLU A 221 21.28 -8.63 -11.47
N LEU A 222 22.07 -9.47 -10.79
CA LEU A 222 23.50 -9.67 -11.16
C LEU A 222 23.51 -10.23 -12.60
N LEU A 223 22.60 -11.16 -12.90
CA LEU A 223 22.53 -11.84 -14.20
C LEU A 223 21.95 -10.91 -15.28
N THR A 224 21.29 -9.80 -14.95
CA THR A 224 20.83 -8.79 -15.95
C THR A 224 21.76 -7.57 -15.93
N TYR A 225 22.90 -7.67 -15.24
CA TYR A 225 23.94 -6.64 -15.14
C TYR A 225 23.32 -5.34 -14.61
N CYS A 226 22.33 -5.45 -13.71
CA CYS A 226 21.64 -4.31 -13.07
C CYS A 226 21.08 -3.31 -14.10
N ASP A 227 20.63 -3.78 -15.24
CA ASP A 227 19.94 -2.91 -16.23
C ASP A 227 18.63 -2.42 -15.60
N SER A 228 18.40 -1.11 -15.69
CA SER A 228 17.25 -0.43 -15.04
C SER A 228 15.95 -0.97 -15.67
N ASP A 229 15.95 -1.22 -16.99
CA ASP A 229 14.76 -1.73 -17.71
C ASP A 229 14.47 -3.19 -17.34
N SER A 230 15.38 -3.90 -16.67
CA SER A 230 15.11 -5.29 -16.24
C SER A 230 15.12 -5.41 -14.72
N SER A 231 15.02 -4.30 -13.98
CA SER A 231 15.09 -4.34 -12.49
C SER A 231 13.86 -5.09 -11.96
N PRO A 232 13.95 -5.70 -10.76
CA PRO A 232 12.82 -6.42 -10.16
C PRO A 232 11.57 -5.53 -10.13
N MET A 233 11.76 -4.25 -9.85
CA MET A 233 10.64 -3.30 -9.80
C MET A 233 10.01 -3.15 -11.19
N ALA A 234 10.82 -2.84 -12.22
CA ALA A 234 10.32 -2.67 -13.59
C ALA A 234 9.64 -3.97 -14.06
N LEU A 235 10.14 -5.15 -13.73
CA LEU A 235 9.50 -6.39 -14.21
C LEU A 235 8.22 -6.67 -13.43
N PHE A 236 8.21 -6.54 -12.11
CA PHE A 236 6.98 -6.73 -11.29
C PHE A 236 5.88 -5.74 -11.69
N LEU A 237 6.19 -4.48 -11.91
CA LEU A 237 5.16 -3.48 -12.28
C LEU A 237 4.59 -3.79 -13.68
N LYS A 238 5.38 -4.25 -14.67
CA LYS A 238 4.85 -4.75 -15.99
C LYS A 238 3.86 -5.90 -15.71
N MET A 239 4.22 -6.82 -14.84
CA MET A 239 3.36 -7.99 -14.46
C MET A 239 2.08 -7.46 -13.84
N ILE A 240 2.13 -6.55 -12.86
CA ILE A 240 0.90 -6.24 -12.05
C ILE A 240 0.15 -5.02 -12.62
N GLY A 241 -1.16 -5.11 -12.54
CA GLY A 241 -2.13 -4.34 -13.36
C GLY A 241 -2.38 -2.95 -12.79
N PRO A 242 -3.36 -2.20 -13.31
CA PRO A 242 -3.74 -0.90 -12.72
C PRO A 242 -3.79 -1.00 -11.17
N THR A 243 -3.21 0.01 -10.47
CA THR A 243 -2.85 -0.10 -9.03
C THR A 243 -2.06 1.12 -8.53
N HIS A 244 -2.20 1.41 -7.21
CA HIS A 244 -2.03 2.74 -6.56
C HIS A 244 -0.74 2.88 -5.77
N GLY A 245 -0.11 1.78 -5.36
CA GLY A 245 0.93 1.85 -4.33
C GLY A 245 0.31 1.47 -3.01
N GLN A 246 -0.84 2.14 -2.70
CA GLN A 246 -1.65 1.75 -1.53
C GLN A 246 -2.02 0.28 -1.82
N MET A 247 -2.41 0.02 -3.12
CA MET A 247 -2.84 -1.32 -3.59
C MET A 247 -1.68 -2.13 -4.21
N THR A 248 -0.54 -1.48 -4.51
CA THR A 248 0.60 -2.12 -5.23
C THR A 248 0.99 -3.44 -4.49
N VAL A 249 1.40 -3.25 -3.24
CA VAL A 249 1.88 -4.37 -2.39
C VAL A 249 0.87 -5.52 -2.36
N THR A 250 -0.45 -5.24 -2.29
CA THR A 250 -1.47 -6.34 -2.15
C THR A 250 -1.65 -7.13 -3.46
N ARG A 251 -1.54 -6.42 -4.59
CA ARG A 251 -1.49 -6.95 -6.00
C ARG A 251 -0.21 -7.76 -6.17
N LEU A 252 0.92 -7.25 -5.65
CA LEU A 252 2.20 -8.03 -5.69
C LEU A 252 2.01 -9.34 -4.92
N VAL A 253 1.37 -9.25 -3.74
CA VAL A 253 1.13 -10.45 -2.88
C VAL A 253 0.29 -11.45 -3.66
N ASN A 254 -0.73 -10.97 -4.37
CA ASN A 254 -1.70 -11.83 -5.10
C ASN A 254 -0.97 -12.52 -6.26
N THR A 255 -0.15 -11.79 -7.02
CA THR A 255 0.68 -12.36 -8.13
C THR A 255 1.58 -13.48 -7.62
N LEU A 256 2.28 -13.25 -6.50
CA LEU A 256 3.21 -14.26 -5.94
C LEU A 256 2.41 -15.48 -5.50
N LYS A 257 1.19 -15.30 -4.98
CA LYS A 257 0.30 -16.42 -4.53
C LYS A 257 -0.05 -17.33 -5.74
N GLU A 258 -0.39 -16.68 -6.86
CA GLU A 258 -0.74 -17.40 -8.11
C GLU A 258 0.50 -18.14 -8.62
N GLY A 259 1.70 -17.74 -8.18
CA GLY A 259 2.92 -18.49 -8.51
C GLY A 259 3.76 -17.82 -9.58
N LYS A 260 3.44 -16.59 -9.99
CA LYS A 260 4.27 -15.86 -10.97
C LYS A 260 5.59 -15.43 -10.31
N ARG A 261 6.71 -15.54 -11.02
CA ARG A 261 8.04 -15.15 -10.52
C ARG A 261 8.75 -14.36 -11.62
N LEU A 262 9.81 -13.62 -11.29
CA LEU A 262 10.61 -12.96 -12.35
C LEU A 262 11.02 -13.99 -13.42
N PRO A 263 11.08 -13.60 -14.71
CA PRO A 263 11.42 -14.54 -15.77
C PRO A 263 12.93 -14.83 -15.73
N CYS A 264 13.32 -15.94 -16.32
CA CYS A 264 14.74 -16.27 -16.59
C CYS A 264 15.41 -15.14 -17.35
N PRO A 265 16.53 -14.57 -16.82
CA PRO A 265 17.27 -13.53 -17.53
C PRO A 265 17.81 -14.02 -18.88
N PRO A 266 17.93 -13.14 -19.89
CA PRO A 266 18.50 -13.53 -21.18
C PRO A 266 19.90 -14.11 -20.95
N ASN A 267 20.20 -15.18 -21.66
CA ASN A 267 21.51 -15.89 -21.68
C ASN A 267 21.72 -16.71 -20.41
N CYS A 268 20.73 -16.77 -19.52
CA CYS A 268 20.93 -17.37 -18.18
C CYS A 268 20.64 -18.84 -18.33
N PRO A 269 21.60 -19.76 -18.11
CA PRO A 269 21.37 -21.18 -18.38
C PRO A 269 20.31 -21.69 -17.40
N ASP A 270 19.50 -22.64 -17.85
CA ASP A 270 18.34 -23.07 -17.04
C ASP A 270 18.87 -23.64 -15.72
N GLU A 271 20.11 -24.13 -15.63
CA GLU A 271 20.59 -24.74 -14.37
C GLU A 271 20.80 -23.62 -13.35
N VAL A 272 21.15 -22.43 -13.80
CA VAL A 272 21.28 -21.30 -12.84
C VAL A 272 19.89 -20.81 -12.43
N TYR A 273 18.97 -20.67 -13.38
CA TYR A 273 17.56 -20.28 -13.11
C TYR A 273 16.95 -21.26 -12.11
N GLN A 274 17.23 -22.55 -12.23
CA GLN A 274 16.64 -23.48 -11.24
C GLN A 274 17.14 -23.14 -9.81
N LEU A 275 18.42 -22.84 -9.62
CA LEU A 275 18.96 -22.44 -8.27
C LEU A 275 18.20 -21.23 -7.76
N MET A 276 18.08 -20.20 -8.58
CA MET A 276 17.32 -18.97 -8.27
C MET A 276 15.86 -19.32 -7.94
N ARG A 277 15.24 -20.25 -8.66
CA ARG A 277 13.80 -20.53 -8.45
C ARG A 277 13.58 -21.13 -7.05
N LYS A 278 14.56 -21.91 -6.56
CA LYS A 278 14.50 -22.57 -5.22
C LYS A 278 14.54 -21.52 -4.09
N CYS A 279 15.05 -20.34 -4.40
CA CYS A 279 15.04 -19.22 -3.44
C CYS A 279 13.62 -18.65 -3.21
N TRP A 280 12.73 -18.87 -4.17
CA TRP A 280 11.40 -18.25 -4.29
C TRP A 280 10.27 -19.28 -4.08
N GLU A 281 10.51 -20.35 -3.34
CA GLU A 281 9.42 -21.17 -2.78
C GLU A 281 8.54 -20.27 -1.88
N PHE A 282 7.22 -20.39 -1.96
CA PHE A 282 6.27 -19.50 -1.24
C PHE A 282 6.48 -19.64 0.27
N GLN A 283 6.64 -20.87 0.75
CA GLN A 283 6.81 -21.19 2.18
C GLN A 283 8.27 -21.08 2.58
N PRO A 284 8.64 -20.34 3.65
CA PRO A 284 10.03 -20.22 4.09
C PRO A 284 10.72 -21.58 4.23
N SER A 285 10.02 -22.55 4.78
CA SER A 285 10.60 -23.87 5.12
C SER A 285 11.01 -24.60 3.83
N ASN A 286 10.44 -24.26 2.68
CA ASN A 286 10.65 -25.00 1.40
C ASN A 286 11.79 -24.43 0.55
N ARG A 287 12.36 -23.32 0.99
CA ARG A 287 13.41 -22.61 0.22
C ARG A 287 14.74 -23.31 0.44
N THR A 288 15.65 -23.13 -0.50
CA THR A 288 17.05 -23.60 -0.43
C THR A 288 17.73 -22.83 0.70
N SER A 289 18.92 -23.25 1.10
CA SER A 289 19.76 -22.52 2.07
C SER A 289 20.93 -21.76 1.38
N PHE A 290 21.70 -20.98 2.12
CA PHE A 290 22.92 -20.36 1.51
C PHE A 290 24.00 -21.44 1.29
N GLN A 291 24.22 -22.32 2.26
CA GLN A 291 25.23 -23.37 2.04
C GLN A 291 24.83 -24.21 0.80
N ASN A 292 23.55 -24.38 0.53
CA ASN A 292 23.11 -25.22 -0.61
C ASN A 292 23.35 -24.51 -1.96
N LEU A 293 23.19 -23.20 -1.96
CA LEU A 293 23.40 -22.36 -3.14
C LEU A 293 24.91 -22.41 -3.46
N ILE A 294 25.75 -22.20 -2.45
CA ILE A 294 27.25 -22.23 -2.56
C ILE A 294 27.61 -23.57 -3.22
N GLU A 295 27.12 -24.67 -2.69
CA GLU A 295 27.39 -25.98 -3.31
C GLU A 295 26.97 -26.00 -4.78
N GLY A 296 25.75 -25.54 -5.13
CA GLY A 296 25.24 -25.60 -6.51
C GLY A 296 26.08 -24.74 -7.44
N PHE A 297 26.49 -23.55 -7.01
CA PHE A 297 27.31 -22.66 -7.86
C PHE A 297 28.70 -23.28 -8.09
N GLU A 298 29.34 -23.78 -7.04
CA GLU A 298 30.69 -24.39 -7.17
C GLU A 298 30.64 -25.56 -8.20
N ALA A 299 29.59 -26.37 -8.12
CA ALA A 299 29.35 -27.50 -9.05
C ALA A 299 29.32 -27.03 -10.50
N LEU A 300 28.67 -25.88 -10.75
CA LEU A 300 28.62 -25.24 -12.08
C LEU A 300 30.02 -24.74 -12.45
N LEU A 301 30.78 -24.25 -11.47
CA LEU A 301 32.08 -23.63 -11.76
C LEU A 301 33.16 -24.67 -12.04
N LYS A 302 32.99 -25.94 -11.65
CA LYS A 302 33.96 -27.01 -11.96
C LYS A 302 33.91 -27.33 -13.47
N VAL B 13 -39.85 20.01 -26.76
CA VAL B 13 -38.83 20.25 -25.68
C VAL B 13 -38.71 18.98 -24.85
N ASP B 14 -37.48 18.57 -24.64
CA ASP B 14 -37.14 17.41 -23.80
C ASP B 14 -36.82 17.98 -22.42
N PRO B 15 -37.60 17.58 -21.40
CA PRO B 15 -37.45 18.17 -20.07
C PRO B 15 -36.21 17.60 -19.33
N THR B 16 -35.54 16.58 -19.89
CA THR B 16 -34.21 16.12 -19.40
C THR B 16 -33.02 16.73 -20.18
N HIS B 17 -33.18 17.69 -21.10
CA HIS B 17 -32.05 18.40 -21.77
C HIS B 17 -31.95 19.75 -21.09
N PHE B 18 -30.84 20.01 -20.45
CA PHE B 18 -30.52 21.27 -19.76
C PHE B 18 -29.57 22.09 -20.65
N GLU B 19 -30.02 23.23 -21.14
CA GLU B 19 -29.19 24.18 -21.92
C GLU B 19 -28.08 24.78 -21.06
N LYS B 20 -26.82 24.66 -21.49
CA LYS B 20 -25.64 25.20 -20.77
C LYS B 20 -25.83 26.69 -20.49
N ARG B 21 -26.36 27.48 -21.44
CA ARG B 21 -26.50 28.96 -21.28
C ARG B 21 -27.37 29.29 -20.06
N PHE B 22 -28.25 28.40 -19.54
CA PHE B 22 -29.16 28.75 -18.42
C PHE B 22 -28.77 28.04 -17.11
N LEU B 23 -27.63 27.35 -17.08
CA LEU B 23 -27.08 26.62 -15.88
C LEU B 23 -26.10 27.60 -15.20
N LYS B 24 -26.63 28.41 -14.27
CA LYS B 24 -25.90 29.43 -13.46
C LYS B 24 -25.27 28.75 -12.24
N ARG B 25 -23.94 28.80 -12.14
CA ARG B 25 -23.12 28.31 -11.01
C ARG B 25 -23.48 29.08 -9.74
N ILE B 26 -23.65 28.37 -8.62
CA ILE B 26 -23.71 29.01 -7.28
C ILE B 26 -22.40 28.72 -6.52
N ARG B 27 -22.02 27.46 -6.32
CA ARG B 27 -20.82 27.06 -5.54
C ARG B 27 -20.55 25.56 -5.75
N ASP B 28 -19.39 25.06 -5.30
CA ASP B 28 -19.03 23.62 -5.31
C ASP B 28 -19.64 22.89 -4.12
N LEU B 29 -20.08 21.65 -4.33
CA LEU B 29 -20.60 20.77 -3.25
C LEU B 29 -19.54 19.75 -2.83
N GLY B 30 -18.82 19.21 -3.80
CA GLY B 30 -17.73 18.25 -3.50
C GLY B 30 -16.81 18.10 -4.71
N GLU B 31 -15.73 17.33 -4.54
CA GLU B 31 -14.74 17.01 -5.60
C GLU B 31 -14.30 15.56 -5.37
N GLY B 32 -13.90 14.87 -6.45
CA GLY B 32 -13.63 13.42 -6.44
C GLY B 32 -13.33 12.91 -7.84
N HIS B 33 -12.55 11.82 -7.95
CA HIS B 33 -12.21 11.05 -9.18
C HIS B 33 -12.11 11.95 -10.43
N PHE B 34 -11.44 13.13 -10.34
CA PHE B 34 -11.03 14.00 -11.47
C PHE B 34 -12.18 14.92 -11.92
N GLY B 35 -13.04 15.33 -11.01
CA GLY B 35 -14.11 16.31 -11.31
C GLY B 35 -14.79 16.89 -10.08
N LYS B 36 -16.02 17.38 -10.25
CA LYS B 36 -16.73 18.03 -9.13
C LYS B 36 -18.24 17.91 -9.28
N VAL B 37 -18.90 18.19 -8.18
CA VAL B 37 -20.37 18.30 -8.10
C VAL B 37 -20.58 19.72 -7.59
N GLU B 38 -21.19 20.57 -8.44
CA GLU B 38 -21.57 21.94 -8.10
C GLU B 38 -23.08 22.08 -7.89
N LEU B 39 -23.46 23.05 -7.06
CA LEU B 39 -24.83 23.61 -7.02
C LEU B 39 -24.93 24.64 -8.13
N CYS B 40 -25.98 24.53 -8.94
CA CYS B 40 -26.39 25.56 -9.93
C CYS B 40 -27.89 25.86 -9.81
N ARG B 41 -28.29 26.98 -10.36
CA ARG B 41 -29.73 27.22 -10.60
C ARG B 41 -29.95 27.06 -12.10
N TYR B 42 -30.86 26.17 -12.51
CA TYR B 42 -31.29 26.18 -13.93
C TYR B 42 -32.29 27.34 -14.08
N ASP B 43 -31.91 28.42 -14.77
CA ASP B 43 -32.68 29.69 -14.68
C ASP B 43 -33.00 30.18 -16.09
N PRO B 44 -33.80 29.45 -16.89
CA PRO B 44 -34.13 29.91 -18.24
C PRO B 44 -34.89 31.24 -18.31
N GLU B 45 -35.59 31.66 -17.24
CA GLU B 45 -36.29 32.98 -17.25
C GLU B 45 -35.35 34.11 -16.82
N GLY B 46 -34.17 33.78 -16.31
CA GLY B 46 -33.08 34.72 -15.94
C GLY B 46 -33.46 35.71 -14.86
N ASP B 47 -34.35 35.34 -13.93
CA ASP B 47 -34.87 36.19 -12.84
C ASP B 47 -34.61 35.50 -11.48
N ASN B 48 -33.72 34.52 -11.45
CA ASN B 48 -33.31 33.87 -10.19
C ASN B 48 -34.40 32.96 -9.61
N THR B 49 -35.38 32.49 -10.39
CA THR B 49 -36.52 31.73 -9.83
C THR B 49 -36.43 30.24 -10.17
N GLY B 50 -35.52 29.86 -11.07
CA GLY B 50 -35.27 28.47 -11.49
C GLY B 50 -34.94 27.49 -10.36
N GLU B 51 -35.14 26.21 -10.60
CA GLU B 51 -34.81 25.17 -9.62
C GLU B 51 -33.27 25.07 -9.38
N GLN B 52 -32.88 24.85 -8.14
CA GLN B 52 -31.52 24.42 -7.73
C GLN B 52 -31.33 22.95 -8.16
N VAL B 53 -30.17 22.60 -8.73
CA VAL B 53 -29.83 21.23 -9.16
C VAL B 53 -28.35 21.00 -8.81
N ALA B 54 -27.99 19.75 -8.57
CA ALA B 54 -26.60 19.28 -8.40
C ALA B 54 -26.10 18.80 -9.78
N VAL B 55 -24.88 19.20 -10.10
CA VAL B 55 -24.31 19.00 -11.44
C VAL B 55 -22.93 18.37 -11.30
N LYS B 56 -22.76 17.21 -11.89
CA LYS B 56 -21.49 16.45 -11.85
C LYS B 56 -20.82 16.58 -13.21
N SER B 57 -19.59 17.08 -13.27
CA SER B 57 -18.81 17.32 -14.49
C SER B 57 -17.33 16.99 -14.25
N LEU B 58 -16.59 16.81 -15.32
CA LEU B 58 -15.13 16.51 -15.30
C LEU B 58 -14.38 17.81 -15.51
N LYS B 59 -13.17 17.94 -14.99
CA LYS B 59 -12.26 19.03 -15.47
C LYS B 59 -11.89 18.72 -16.93
N PRO B 60 -11.48 19.72 -17.74
CA PRO B 60 -10.68 19.46 -18.95
C PRO B 60 -9.26 18.96 -18.66
N HIS B 66 -12.42 8.21 -18.31
CA HIS B 66 -13.12 9.16 -17.40
C HIS B 66 -14.42 9.68 -18.04
N ILE B 67 -14.31 10.27 -19.23
CA ILE B 67 -15.53 10.74 -19.97
C ILE B 67 -16.45 9.55 -20.21
N ALA B 68 -15.91 8.45 -20.73
CA ALA B 68 -16.72 7.25 -21.01
C ALA B 68 -17.30 6.72 -19.70
N ASP B 69 -16.54 6.69 -18.59
CA ASP B 69 -17.09 6.16 -17.33
C ASP B 69 -18.21 7.08 -16.83
N LEU B 70 -18.10 8.41 -16.98
CA LEU B 70 -19.18 9.34 -16.57
C LEU B 70 -20.43 9.02 -17.40
N LYS B 71 -20.28 8.75 -18.68
CA LYS B 71 -21.43 8.41 -19.53
C LYS B 71 -22.13 7.13 -19.04
N LYS B 72 -21.33 6.13 -18.65
CA LYS B 72 -21.91 4.88 -18.06
C LYS B 72 -22.65 5.18 -16.74
N GLU B 73 -22.15 6.11 -15.93
CA GLU B 73 -22.71 6.41 -14.60
C GLU B 73 -24.07 7.09 -14.86
N ILE B 74 -24.08 7.93 -15.90
CA ILE B 74 -25.30 8.67 -16.29
C ILE B 74 -26.38 7.67 -16.64
N GLU B 75 -26.01 6.59 -17.31
CA GLU B 75 -26.99 5.66 -17.91
C GLU B 75 -27.52 4.75 -16.80
N ILE B 76 -26.69 4.51 -15.80
CA ILE B 76 -27.07 3.73 -14.61
C ILE B 76 -28.12 4.52 -13.85
N LEU B 77 -27.80 5.78 -13.55
CA LEU B 77 -28.70 6.55 -12.67
C LEU B 77 -30.01 6.84 -13.39
N ARG B 78 -29.95 7.11 -14.71
CA ARG B 78 -31.16 7.47 -15.49
C ARG B 78 -32.24 6.39 -15.32
N ASN B 79 -31.81 5.16 -15.14
CA ASN B 79 -32.69 3.97 -15.15
C ASN B 79 -32.90 3.44 -13.72
N LEU B 80 -32.45 4.15 -12.68
CA LEU B 80 -32.77 3.75 -11.26
C LEU B 80 -33.92 4.64 -10.76
N TYR B 81 -35.01 4.05 -10.31
CA TYR B 81 -36.16 4.78 -9.70
C TYR B 81 -36.51 4.11 -8.38
N HIS B 82 -36.28 4.83 -7.30
CA HIS B 82 -36.50 4.31 -5.91
C HIS B 82 -36.50 5.50 -4.95
N GLU B 83 -37.33 5.47 -3.91
CA GLU B 83 -37.45 6.60 -2.95
C GLU B 83 -36.15 6.86 -2.21
N ASN B 84 -35.28 5.85 -2.07
CA ASN B 84 -33.97 6.00 -1.39
C ASN B 84 -32.81 6.00 -2.41
N ILE B 85 -33.06 6.48 -3.64
CA ILE B 85 -31.99 6.72 -4.62
C ILE B 85 -32.18 8.15 -5.17
N VAL B 86 -31.13 8.92 -5.13
CA VAL B 86 -31.18 10.35 -5.59
C VAL B 86 -31.73 10.42 -7.02
N LYS B 87 -32.59 11.40 -7.31
CA LYS B 87 -33.34 11.49 -8.58
C LYS B 87 -32.46 12.08 -9.67
N TYR B 88 -32.29 11.30 -10.74
CA TYR B 88 -31.81 11.76 -12.06
C TYR B 88 -32.78 12.84 -12.58
N LYS B 89 -32.24 13.95 -13.08
CA LYS B 89 -33.08 15.00 -13.69
C LYS B 89 -32.74 15.17 -15.17
N GLY B 90 -31.47 15.04 -15.56
CA GLY B 90 -31.13 15.08 -16.99
C GLY B 90 -29.65 15.27 -17.29
N ILE B 91 -29.34 15.88 -18.44
CA ILE B 91 -27.94 16.05 -18.89
C ILE B 91 -27.81 17.42 -19.54
N CYS B 92 -26.60 17.94 -19.52
CA CYS B 92 -26.13 19.08 -20.33
C CYS B 92 -25.05 18.57 -21.29
N THR B 93 -25.23 18.75 -22.61
CA THR B 93 -24.36 18.19 -23.67
C THR B 93 -23.69 19.35 -24.41
N GLU B 94 -22.41 19.25 -24.73
CA GLU B 94 -21.81 20.13 -25.79
C GLU B 94 -21.25 19.24 -26.90
N GLY B 99 -18.03 16.46 -24.28
CA GLY B 99 -18.36 17.03 -22.97
C GLY B 99 -19.78 16.67 -22.54
N ILE B 100 -19.96 16.36 -21.25
CA ILE B 100 -21.31 16.06 -20.72
C ILE B 100 -21.36 16.28 -19.21
N LYS B 101 -22.51 16.73 -18.70
CA LYS B 101 -22.77 17.00 -17.26
C LYS B 101 -24.02 16.22 -16.87
N LEU B 102 -23.99 15.60 -15.71
CA LEU B 102 -25.14 14.88 -15.14
C LEU B 102 -25.90 15.85 -14.20
N ILE B 103 -27.20 16.04 -14.42
CA ILE B 103 -28.02 16.94 -13.55
C ILE B 103 -28.83 16.04 -12.60
N MET B 104 -28.80 16.32 -11.32
CA MET B 104 -29.45 15.53 -10.25
C MET B 104 -30.29 16.49 -9.41
N GLU B 105 -31.22 15.94 -8.63
CA GLU B 105 -31.94 16.78 -7.62
C GLU B 105 -30.95 17.34 -6.56
N PHE B 106 -31.20 18.55 -6.06
CA PHE B 106 -30.37 19.10 -4.96
C PHE B 106 -31.02 18.76 -3.62
N LEU B 107 -30.28 18.13 -2.70
CA LEU B 107 -30.70 17.90 -1.28
C LEU B 107 -29.92 18.83 -0.37
N PRO B 108 -30.51 20.00 -0.02
CA PRO B 108 -29.81 21.01 0.76
C PRO B 108 -29.24 20.58 2.12
N SER B 109 -29.75 19.47 2.68
CA SER B 109 -29.24 18.98 3.99
C SER B 109 -27.96 18.17 3.80
N GLY B 110 -27.57 17.87 2.58
CA GLY B 110 -26.24 17.32 2.34
C GLY B 110 -26.14 15.91 2.84
N SER B 111 -24.92 15.45 3.07
CA SER B 111 -24.69 14.04 3.43
C SER B 111 -24.82 13.83 4.94
N LEU B 112 -25.05 12.61 5.33
CA LEU B 112 -24.99 12.22 6.76
C LEU B 112 -23.74 12.72 7.49
N LYS B 113 -22.59 12.77 6.84
CA LYS B 113 -21.27 13.18 7.37
C LYS B 113 -21.39 14.66 7.77
N GLU B 114 -22.14 15.47 7.04
CA GLU B 114 -22.33 16.88 7.46
C GLU B 114 -23.54 17.03 8.40
N TYR B 115 -24.61 16.33 8.13
CA TYR B 115 -25.92 16.45 8.84
C TYR B 115 -25.88 15.87 10.25
N LEU B 116 -25.40 14.68 10.47
CA LEU B 116 -25.49 14.04 11.80
C LEU B 116 -24.77 14.90 12.84
N PRO B 117 -23.52 15.34 12.61
CA PRO B 117 -22.79 16.07 13.65
C PRO B 117 -23.63 17.24 14.16
N LYS B 118 -24.46 17.77 13.27
CA LYS B 118 -25.12 19.10 13.45
C LYS B 118 -26.53 18.90 14.02
N ASN B 119 -26.98 17.66 14.22
CA ASN B 119 -28.41 17.38 14.45
C ASN B 119 -28.58 16.20 15.39
N LYS B 120 -27.63 16.02 16.31
CA LYS B 120 -27.67 14.88 17.25
C LYS B 120 -28.89 14.98 18.17
N ASN B 121 -29.23 16.20 18.60
CA ASN B 121 -30.42 16.48 19.47
C ASN B 121 -31.72 15.92 18.84
N LYS B 122 -31.81 15.92 17.53
CA LYS B 122 -33.07 15.64 16.78
C LYS B 122 -33.15 14.17 16.37
N ILE B 123 -31.98 13.50 16.26
CA ILE B 123 -31.84 12.16 15.62
C ILE B 123 -31.47 11.16 16.71
N ASN B 124 -32.45 10.39 17.13
CA ASN B 124 -32.30 9.38 18.22
C ASN B 124 -32.09 8.00 17.57
N LEU B 125 -31.95 6.94 18.39
CA LEU B 125 -31.57 5.62 17.84
C LEU B 125 -32.67 5.13 16.87
N LYS B 126 -33.95 5.23 17.27
CA LYS B 126 -35.09 4.88 16.41
C LYS B 126 -34.89 5.52 15.02
N GLN B 127 -34.50 6.78 14.93
CA GLN B 127 -34.36 7.45 13.62
C GLN B 127 -33.13 6.90 12.91
N GLN B 128 -32.08 6.57 13.65
CA GLN B 128 -30.85 6.00 13.03
C GLN B 128 -31.20 4.64 12.44
N LEU B 129 -32.03 3.86 13.11
CA LEU B 129 -32.43 2.52 12.60
C LEU B 129 -33.34 2.66 11.37
N LYS B 130 -34.19 3.68 11.32
CA LYS B 130 -34.99 3.94 10.10
C LYS B 130 -34.11 4.35 8.91
N TYR B 131 -33.14 5.29 9.04
CA TYR B 131 -32.09 5.54 8.02
C TYR B 131 -31.39 4.22 7.63
N ALA B 132 -31.11 3.32 8.58
CA ALA B 132 -30.40 2.07 8.23
C ALA B 132 -31.24 1.24 7.26
N VAL B 133 -32.53 1.16 7.51
CA VAL B 133 -33.49 0.38 6.66
C VAL B 133 -33.56 1.04 5.29
N GLN B 134 -33.59 2.36 5.25
CA GLN B 134 -33.77 3.07 3.96
C GLN B 134 -32.53 2.83 3.10
N ILE B 135 -31.32 2.86 3.66
CA ILE B 135 -30.06 2.56 2.94
C ILE B 135 -30.18 1.13 2.43
N CYS B 136 -30.52 0.19 3.30
CA CYS B 136 -30.64 -1.23 2.89
C CYS B 136 -31.64 -1.44 1.74
N LYS B 137 -32.81 -0.78 1.80
CA LYS B 137 -33.79 -0.82 0.67
C LYS B 137 -33.22 -0.26 -0.61
N GLY B 138 -32.61 0.92 -0.61
CA GLY B 138 -31.93 1.48 -1.79
C GLY B 138 -30.86 0.52 -2.31
N MET B 139 -30.06 -0.11 -1.42
CA MET B 139 -28.91 -0.96 -1.79
C MET B 139 -29.43 -2.29 -2.38
N ASP B 140 -30.49 -2.84 -1.80
CA ASP B 140 -31.11 -4.11 -2.30
C ASP B 140 -31.79 -3.83 -3.66
N TYR B 141 -32.42 -2.68 -3.89
CA TYR B 141 -32.90 -2.30 -5.23
C TYR B 141 -31.75 -2.34 -6.25
N LEU B 142 -30.63 -1.69 -5.94
CA LEU B 142 -29.42 -1.66 -6.82
C LEU B 142 -28.96 -3.11 -7.11
N GLY B 143 -28.79 -3.93 -6.08
CA GLY B 143 -28.49 -5.37 -6.20
C GLY B 143 -29.38 -6.10 -7.20
N SER B 144 -30.69 -5.87 -7.15
CA SER B 144 -31.69 -6.62 -7.96
C SER B 144 -31.53 -6.18 -9.43
N ARG B 145 -31.02 -4.97 -9.68
CA ARG B 145 -30.67 -4.55 -11.06
C ARG B 145 -29.26 -5.07 -11.47
N GLN B 146 -28.64 -5.90 -10.64
CA GLN B 146 -27.31 -6.55 -10.82
C GLN B 146 -26.19 -5.50 -10.82
N TYR B 147 -26.28 -4.45 -9.98
CA TYR B 147 -25.17 -3.52 -9.78
C TYR B 147 -24.54 -3.75 -8.41
N VAL B 148 -23.25 -3.48 -8.37
CA VAL B 148 -22.42 -3.39 -7.16
C VAL B 148 -21.96 -1.94 -7.06
N HIS B 149 -22.19 -1.31 -5.90
CA HIS B 149 -21.97 0.15 -5.68
C HIS B 149 -20.48 0.47 -5.52
N ARG B 150 -19.81 -0.24 -4.60
CA ARG B 150 -18.34 -0.23 -4.38
C ARG B 150 -17.92 1.07 -3.65
N ASP B 151 -18.85 1.93 -3.24
CA ASP B 151 -18.45 3.21 -2.60
C ASP B 151 -19.47 3.64 -1.56
N LEU B 152 -20.05 2.69 -0.84
CA LEU B 152 -21.13 2.99 0.11
C LEU B 152 -20.46 3.47 1.42
N ALA B 153 -20.66 4.74 1.69
CA ALA B 153 -20.16 5.43 2.91
C ALA B 153 -21.10 6.63 3.21
N ALA B 154 -21.11 7.05 4.47
CA ALA B 154 -22.02 8.08 5.03
C ALA B 154 -21.89 9.32 4.15
N ARG B 155 -20.73 9.53 3.54
CA ARG B 155 -20.44 10.78 2.78
C ARG B 155 -21.25 10.78 1.47
N ASN B 156 -21.71 9.62 1.07
CA ASN B 156 -22.56 9.32 -0.12
C ASN B 156 -24.01 8.94 0.21
N VAL B 157 -24.46 9.18 1.44
CA VAL B 157 -25.90 9.04 1.83
C VAL B 157 -26.42 10.44 2.04
N LEU B 158 -27.43 10.85 1.29
CA LEU B 158 -27.95 12.21 1.36
C LEU B 158 -29.21 12.22 2.20
N VAL B 159 -29.38 13.31 2.94
CA VAL B 159 -30.58 13.52 3.79
C VAL B 159 -31.60 14.27 2.93
N GLU B 160 -32.72 13.65 2.60
CA GLU B 160 -33.90 14.32 2.00
C GLU B 160 -34.60 15.19 3.09
N SER B 161 -34.79 14.64 4.29
CA SER B 161 -35.52 15.30 5.41
C SER B 161 -35.07 14.57 6.66
N GLU B 162 -35.55 15.00 7.83
CA GLU B 162 -35.35 14.27 9.09
C GLU B 162 -35.73 12.77 8.96
N HIS B 163 -36.71 12.45 8.16
CA HIS B 163 -37.31 11.09 8.12
C HIS B 163 -36.84 10.32 6.89
N GLN B 164 -36.02 10.90 6.00
CA GLN B 164 -35.69 10.15 4.76
C GLN B 164 -34.27 10.44 4.25
N VAL B 165 -33.59 9.39 3.87
CA VAL B 165 -32.24 9.44 3.25
C VAL B 165 -32.30 8.89 1.83
N LYS B 166 -31.29 9.18 1.06
CA LYS B 166 -31.13 8.72 -0.35
C LYS B 166 -29.63 8.48 -0.64
N ILE B 167 -29.34 7.36 -1.28
CA ILE B 167 -27.98 7.06 -1.79
C ILE B 167 -27.74 8.08 -2.90
N GLY B 168 -26.65 8.79 -2.83
CA GLY B 168 -26.52 10.10 -3.52
C GLY B 168 -25.44 10.17 -4.55
N ASP B 169 -24.62 9.12 -4.69
CA ASP B 169 -23.53 9.12 -5.70
C ASP B 169 -23.34 7.69 -6.19
N PHE B 170 -23.13 7.49 -7.50
CA PHE B 170 -22.92 6.16 -8.12
C PHE B 170 -21.66 6.11 -9.00
N GLY B 171 -20.65 6.93 -8.71
CA GLY B 171 -19.47 7.10 -9.58
C GLY B 171 -18.53 5.90 -9.68
N LEU B 172 -18.64 4.93 -8.77
CA LEU B 172 -17.83 3.69 -8.81
C LEU B 172 -18.71 2.48 -9.17
N THR B 173 -20.02 2.66 -9.37
CA THR B 173 -20.99 1.58 -9.65
C THR B 173 -20.66 0.84 -10.96
N LYS B 174 -20.79 -0.48 -10.89
CA LYS B 174 -20.40 -1.44 -11.95
C LYS B 174 -21.52 -2.47 -12.06
N ALA B 175 -21.79 -2.99 -13.28
CA ALA B 175 -22.72 -4.13 -13.51
C ALA B 175 -22.01 -5.46 -13.21
N ILE B 176 -22.69 -6.42 -12.57
CA ILE B 176 -22.23 -7.82 -12.44
C ILE B 176 -22.87 -8.60 -13.61
N GLU B 177 -22.06 -9.28 -14.37
CA GLU B 177 -22.53 -10.12 -15.51
C GLU B 177 -23.40 -11.30 -14.93
N THR B 178 -24.60 -11.50 -15.59
CA THR B 178 -25.56 -12.63 -15.32
C THR B 178 -24.78 -13.94 -15.13
N ASP B 179 -25.13 -14.69 -14.06
CA ASP B 179 -24.49 -15.99 -13.69
C ASP B 179 -23.00 -15.79 -13.37
N LYS B 180 -22.59 -14.58 -12.98
CA LYS B 180 -21.29 -14.31 -12.34
C LYS B 180 -21.65 -13.74 -10.97
N GLU B 181 -20.75 -13.83 -10.00
CA GLU B 181 -21.05 -13.40 -8.62
C GLU B 181 -20.38 -12.07 -8.32
N PTR B 182 -19.46 -11.64 -9.20
CA PTR B 182 -18.57 -10.57 -8.83
C PTR B 182 -18.05 -9.85 -10.05
O PTR B 182 -18.11 -10.36 -11.15
CB PTR B 182 -17.43 -11.10 -7.95
CG PTR B 182 -16.44 -12.02 -8.63
CD1 PTR B 182 -16.44 -13.37 -8.38
CD2 PTR B 182 -15.50 -11.50 -9.50
CE1 PTR B 182 -15.53 -14.23 -8.99
CE2 PTR B 182 -14.57 -12.32 -10.13
CZ PTR B 182 -14.60 -13.67 -9.86
OH PTR B 182 -13.63 -14.43 -10.50
P PTR B 182 -13.88 -15.84 -11.11
O1P PTR B 182 -15.11 -15.75 -12.01
O2P PTR B 182 -12.68 -16.24 -11.89
O3P PTR B 182 -14.11 -16.73 -9.91
N PTR B 183 -17.50 -8.65 -9.81
CA PTR B 183 -16.85 -7.91 -10.85
C PTR B 183 -15.44 -7.52 -10.40
O PTR B 183 -15.23 -7.04 -9.29
CB PTR B 183 -17.73 -6.71 -11.20
CG PTR B 183 -17.01 -5.67 -12.00
CD1 PTR B 183 -16.22 -4.73 -11.35
CD2 PTR B 183 -17.14 -5.61 -13.38
CE1 PTR B 183 -15.55 -3.76 -12.06
CE2 PTR B 183 -16.49 -4.63 -14.12
CZ PTR B 183 -15.70 -3.72 -13.43
OH PTR B 183 -14.97 -2.70 -14.02
P PTR B 183 -14.74 -2.50 -15.59
O1P PTR B 183 -15.89 -1.62 -16.02
O2P PTR B 183 -13.43 -1.77 -15.72
O3P PTR B 183 -14.74 -3.77 -16.37
N THR B 184 -14.47 -7.73 -11.28
CA THR B 184 -13.08 -7.43 -10.97
C THR B 184 -12.74 -6.03 -11.50
N VAL B 185 -12.13 -5.14 -10.71
CA VAL B 185 -12.14 -3.70 -11.15
C VAL B 185 -11.41 -3.53 -12.49
N LYS B 186 -10.08 -3.36 -12.51
CA LYS B 186 -9.33 -2.92 -11.37
C LYS B 186 -8.47 -1.71 -11.76
N ASP B 187 -9.17 -0.64 -12.16
CA ASP B 187 -8.87 0.80 -12.02
C ASP B 187 -9.03 1.15 -10.51
N ASP B 188 -7.95 1.17 -9.74
CA ASP B 188 -7.87 0.65 -8.34
C ASP B 188 -7.41 1.71 -7.31
N ARG B 189 -6.81 2.80 -7.81
CA ARG B 189 -5.76 3.58 -7.10
C ARG B 189 -6.36 4.36 -5.91
N ASP B 190 -7.58 4.86 -6.04
CA ASP B 190 -8.20 5.74 -5.01
C ASP B 190 -9.26 4.98 -4.20
N SER B 191 -9.10 3.68 -3.97
CA SER B 191 -10.10 2.87 -3.19
C SER B 191 -10.35 3.50 -1.82
N PRO B 192 -11.60 3.49 -1.31
CA PRO B 192 -11.87 3.76 0.10
C PRO B 192 -11.62 2.48 0.92
N VAL B 193 -10.35 2.16 1.14
CA VAL B 193 -9.90 0.84 1.71
C VAL B 193 -10.55 0.60 3.08
N PHE B 194 -10.79 1.64 3.87
CA PHE B 194 -11.26 1.40 5.27
C PHE B 194 -12.72 0.97 5.22
N TRP B 195 -13.35 0.94 4.05
CA TRP B 195 -14.75 0.48 3.94
C TRP B 195 -14.84 -0.83 3.18
N TYR B 196 -13.72 -1.35 2.67
CA TYR B 196 -13.68 -2.51 1.73
C TYR B 196 -13.60 -3.83 2.48
N ALA B 197 -14.36 -4.80 1.96
CA ALA B 197 -14.31 -6.21 2.35
C ALA B 197 -12.97 -6.85 1.94
N PRO B 198 -12.52 -7.93 2.61
CA PRO B 198 -11.19 -8.49 2.38
C PRO B 198 -10.93 -9.00 0.94
N GLU B 199 -11.96 -9.49 0.24
CA GLU B 199 -11.87 -9.92 -1.19
C GLU B 199 -11.56 -8.71 -2.09
N CYS B 200 -11.93 -7.50 -1.69
CA CYS B 200 -11.72 -6.27 -2.48
C CYS B 200 -10.26 -5.83 -2.29
N LEU B 201 -9.80 -5.94 -1.03
CA LEU B 201 -8.41 -5.59 -0.63
C LEU B 201 -7.45 -6.59 -1.29
N MET B 202 -7.76 -7.88 -1.29
CA MET B 202 -6.77 -8.94 -1.59
C MET B 202 -6.72 -9.21 -3.11
N GLN B 203 -7.89 -9.26 -3.75
CA GLN B 203 -8.03 -9.78 -5.13
C GLN B 203 -8.74 -8.76 -6.03
N SER B 204 -9.16 -7.62 -5.50
CA SER B 204 -9.88 -6.54 -6.24
C SER B 204 -11.23 -7.04 -6.83
N LYS B 205 -11.85 -8.02 -6.16
CA LYS B 205 -13.13 -8.67 -6.54
C LYS B 205 -14.27 -7.99 -5.77
N PHE B 206 -15.36 -7.62 -6.45
CA PHE B 206 -16.54 -6.94 -5.85
C PHE B 206 -17.83 -7.74 -6.09
N TYR B 207 -18.38 -8.30 -5.03
CA TYR B 207 -19.65 -9.07 -4.95
C TYR B 207 -20.76 -8.18 -4.39
N ILE B 208 -22.02 -8.62 -4.51
CA ILE B 208 -23.11 -7.92 -3.77
C ILE B 208 -22.74 -7.92 -2.26
N ALA B 209 -22.21 -9.02 -1.73
CA ALA B 209 -21.74 -9.15 -0.33
C ALA B 209 -20.64 -8.12 0.03
N SER B 210 -19.87 -7.63 -0.94
CA SER B 210 -18.88 -6.56 -0.65
C SER B 210 -19.66 -5.32 -0.23
N ASP B 211 -20.80 -5.06 -0.84
CA ASP B 211 -21.62 -3.86 -0.50
C ASP B 211 -22.16 -4.05 0.94
N VAL B 212 -22.52 -5.29 1.36
CA VAL B 212 -23.04 -5.59 2.73
C VAL B 212 -21.96 -5.23 3.74
N TRP B 213 -20.71 -5.53 3.46
CA TRP B 213 -19.58 -5.18 4.36
C TRP B 213 -19.47 -3.65 4.46
N SER B 214 -19.47 -2.98 3.32
CA SER B 214 -19.45 -1.49 3.31
C SER B 214 -20.64 -0.92 4.10
N PHE B 215 -21.82 -1.51 3.97
CA PHE B 215 -23.03 -1.06 4.71
C PHE B 215 -22.74 -1.11 6.22
N GLY B 216 -22.14 -2.22 6.67
CA GLY B 216 -21.72 -2.44 8.08
C GLY B 216 -20.88 -1.28 8.57
N VAL B 217 -19.95 -0.81 7.74
CA VAL B 217 -19.03 0.31 8.12
C VAL B 217 -19.83 1.61 8.19
N THR B 218 -20.70 1.81 7.20
CA THR B 218 -21.59 2.96 7.10
C THR B 218 -22.57 2.96 8.30
N LEU B 219 -23.13 1.82 8.73
CA LEU B 219 -23.99 1.80 9.94
C LEU B 219 -23.15 2.18 11.21
N HIS B 220 -21.86 1.81 11.26
CA HIS B 220 -20.92 2.23 12.31
C HIS B 220 -20.82 3.77 12.34
N GLU B 221 -20.63 4.43 11.20
CA GLU B 221 -20.51 5.92 11.04
C GLU B 221 -21.79 6.62 11.54
N LEU B 222 -22.97 6.13 11.10
CA LEU B 222 -24.32 6.65 11.43
C LEU B 222 -24.52 6.56 12.96
N LEU B 223 -24.12 5.43 13.55
CA LEU B 223 -24.34 5.21 14.99
C LEU B 223 -23.41 6.10 15.82
N THR B 224 -22.26 6.56 15.29
CA THR B 224 -21.31 7.52 15.95
C THR B 224 -21.57 8.95 15.47
N TYR B 225 -22.67 9.17 14.73
CA TYR B 225 -23.07 10.50 14.22
C TYR B 225 -21.95 11.13 13.38
N CYS B 226 -21.28 10.26 12.62
CA CYS B 226 -20.12 10.57 11.76
C CYS B 226 -19.10 11.42 12.53
N ASP B 227 -18.76 11.13 13.79
CA ASP B 227 -17.61 11.85 14.40
C ASP B 227 -16.29 11.48 13.69
N SER B 228 -15.49 12.47 13.26
CA SER B 228 -14.17 12.30 12.59
C SER B 228 -13.24 11.46 13.46
N ASP B 229 -13.21 11.76 14.76
CA ASP B 229 -12.35 11.05 15.73
C ASP B 229 -12.80 9.57 15.89
N SER B 230 -13.98 9.13 15.46
CA SER B 230 -14.20 7.66 15.53
C SER B 230 -14.65 7.15 14.18
N SER B 231 -14.18 7.81 13.12
CA SER B 231 -14.30 7.30 11.74
C SER B 231 -13.67 5.91 11.63
N PRO B 232 -14.14 5.10 10.66
CA PRO B 232 -13.48 3.83 10.38
C PRO B 232 -11.98 3.98 10.12
N MET B 233 -11.57 4.99 9.38
CA MET B 233 -10.15 5.26 9.09
C MET B 233 -9.40 5.48 10.39
N ALA B 234 -9.78 6.47 11.22
CA ALA B 234 -9.12 6.77 12.52
C ALA B 234 -9.01 5.48 13.34
N LEU B 235 -10.12 4.79 13.47
CA LEU B 235 -10.21 3.59 14.32
C LEU B 235 -9.33 2.47 13.77
N PHE B 236 -9.38 2.17 12.47
CA PHE B 236 -8.46 1.14 11.88
C PHE B 236 -6.99 1.59 12.03
N LEU B 237 -6.63 2.88 11.89
CA LEU B 237 -5.21 3.32 11.99
C LEU B 237 -4.70 3.26 13.45
N LYS B 238 -5.54 3.57 14.45
CA LYS B 238 -5.25 3.29 15.88
C LYS B 238 -4.93 1.79 16.04
N MET B 239 -5.64 0.93 15.34
CA MET B 239 -5.57 -0.55 15.50
C MET B 239 -4.29 -1.12 14.86
N ILE B 240 -3.88 -0.62 13.69
CA ILE B 240 -2.72 -1.21 12.93
C ILE B 240 -1.51 -0.27 13.02
N GLY B 241 -1.68 0.97 13.46
CA GLY B 241 -0.65 2.01 13.45
C GLY B 241 -0.76 2.88 12.18
N PRO B 242 -0.41 4.19 12.26
CA PRO B 242 0.04 4.92 11.07
C PRO B 242 1.44 4.39 10.64
N THR B 243 1.45 3.27 9.93
CA THR B 243 2.65 2.50 9.46
C THR B 243 3.22 3.15 8.18
N HIS B 244 2.67 2.90 6.97
CA HIS B 244 3.23 3.40 5.67
C HIS B 244 2.24 3.68 4.55
N GLY B 245 1.13 2.97 4.42
CA GLY B 245 0.22 3.20 3.30
C GLY B 245 0.49 2.24 2.15
N GLN B 246 1.76 2.16 1.72
CA GLN B 246 2.23 1.04 0.87
C GLN B 246 1.83 -0.26 1.64
N MET B 247 2.27 -0.29 2.92
CA MET B 247 2.07 -1.47 3.81
C MET B 247 0.76 -1.35 4.60
N THR B 248 0.12 -0.18 4.59
CA THR B 248 -1.14 0.09 5.33
C THR B 248 -2.21 -0.98 4.98
N VAL B 249 -2.44 -1.09 3.66
CA VAL B 249 -3.48 -2.05 3.20
C VAL B 249 -3.12 -3.50 3.56
N THR B 250 -1.84 -3.95 3.43
CA THR B 250 -1.52 -5.37 3.82
C THR B 250 -1.88 -5.50 5.36
N ARG B 251 -1.39 -4.53 6.14
CA ARG B 251 -1.53 -4.58 7.64
C ARG B 251 -3.03 -4.63 7.95
N LEU B 252 -3.86 -3.92 7.18
CA LEU B 252 -5.34 -3.95 7.37
C LEU B 252 -5.89 -5.38 7.08
N VAL B 253 -5.39 -5.96 5.97
CA VAL B 253 -5.84 -7.33 5.54
C VAL B 253 -5.53 -8.30 6.68
N ASN B 254 -4.30 -8.16 7.20
CA ASN B 254 -3.76 -9.03 8.27
C ASN B 254 -4.64 -8.87 9.51
N THR B 255 -5.00 -7.64 9.89
CA THR B 255 -5.83 -7.40 11.11
C THR B 255 -7.25 -7.98 10.92
N LEU B 256 -7.82 -7.88 9.71
CA LEU B 256 -9.15 -8.46 9.43
C LEU B 256 -9.07 -9.98 9.44
N LYS B 257 -7.90 -10.54 9.04
CA LYS B 257 -7.62 -12.00 9.12
C LYS B 257 -7.58 -12.42 10.60
N GLU B 258 -6.88 -11.65 11.46
CA GLU B 258 -6.77 -12.00 12.91
C GLU B 258 -8.19 -12.08 13.49
N GLY B 259 -9.18 -11.43 12.87
CA GLY B 259 -10.58 -11.50 13.34
C GLY B 259 -11.04 -10.21 14.01
N LYS B 260 -10.18 -9.18 14.02
CA LYS B 260 -10.49 -7.84 14.59
C LYS B 260 -11.41 -7.02 13.66
N ARG B 261 -12.36 -6.33 14.28
CA ARG B 261 -13.45 -5.55 13.65
C ARG B 261 -13.55 -4.23 14.40
N LEU B 262 -14.23 -3.22 13.82
CA LEU B 262 -14.51 -1.97 14.57
C LEU B 262 -15.31 -2.33 15.82
N PRO B 263 -15.08 -1.61 16.94
CA PRO B 263 -15.77 -1.90 18.19
C PRO B 263 -17.22 -1.34 18.17
N CYS B 264 -18.02 -1.75 19.13
CA CYS B 264 -19.40 -1.24 19.39
C CYS B 264 -19.37 0.28 19.54
N PRO B 265 -20.10 1.09 18.73
CA PRO B 265 -20.19 2.55 18.95
C PRO B 265 -20.65 2.83 20.36
N PRO B 266 -20.32 4.02 20.96
CA PRO B 266 -20.88 4.37 22.26
C PRO B 266 -22.42 4.36 22.17
N ASN B 267 -23.05 3.73 23.18
CA ASN B 267 -24.49 3.83 23.44
C ASN B 267 -25.24 2.89 22.50
N CYS B 268 -24.55 2.05 21.76
CA CYS B 268 -25.23 1.24 20.71
C CYS B 268 -25.55 -0.07 21.40
N PRO B 269 -26.83 -0.47 21.47
CA PRO B 269 -27.22 -1.75 22.09
C PRO B 269 -26.54 -2.90 21.34
N ASP B 270 -26.38 -4.00 22.06
CA ASP B 270 -25.61 -5.16 21.57
C ASP B 270 -26.35 -5.77 20.37
N GLU B 271 -27.66 -5.76 20.31
CA GLU B 271 -28.37 -6.54 19.25
C GLU B 271 -28.26 -5.76 17.93
N VAL B 272 -28.08 -4.45 17.99
CA VAL B 272 -27.74 -3.64 16.79
C VAL B 272 -26.33 -4.02 16.36
N TYR B 273 -25.37 -4.04 17.30
CA TYR B 273 -23.96 -4.36 17.05
C TYR B 273 -23.86 -5.75 16.43
N GLN B 274 -24.65 -6.72 16.89
CA GLN B 274 -24.58 -8.09 16.33
C GLN B 274 -25.00 -8.07 14.84
N LEU B 275 -26.10 -7.42 14.46
CA LEU B 275 -26.52 -7.27 13.02
C LEU B 275 -25.37 -6.61 12.24
N MET B 276 -24.75 -5.56 12.79
CA MET B 276 -23.53 -4.94 12.18
C MET B 276 -22.43 -6.00 11.97
N ARG B 277 -22.17 -6.84 12.95
CA ARG B 277 -21.06 -7.81 12.86
C ARG B 277 -21.27 -8.87 11.75
N LYS B 278 -22.51 -9.24 11.45
CA LYS B 278 -22.91 -10.17 10.35
C LYS B 278 -22.61 -9.59 8.96
N CYS B 279 -22.39 -8.28 8.89
CA CYS B 279 -21.91 -7.62 7.66
C CYS B 279 -20.43 -7.95 7.46
N TRP B 280 -19.74 -8.35 8.53
CA TRP B 280 -18.26 -8.42 8.58
C TRP B 280 -17.73 -9.85 8.78
N GLU B 281 -18.48 -10.85 8.35
CA GLU B 281 -18.00 -12.25 8.27
C GLU B 281 -16.95 -12.34 7.15
N PHE B 282 -15.85 -13.05 7.35
CA PHE B 282 -14.65 -12.87 6.48
C PHE B 282 -15.01 -13.32 5.06
N GLN B 283 -15.70 -14.47 4.97
CA GLN B 283 -16.14 -15.07 3.69
C GLN B 283 -17.39 -14.36 3.24
N PRO B 284 -17.41 -13.80 2.00
CA PRO B 284 -18.64 -13.27 1.42
C PRO B 284 -19.88 -14.17 1.61
N SER B 285 -19.77 -15.46 1.33
CA SER B 285 -20.92 -16.40 1.36
C SER B 285 -21.54 -16.46 2.77
N ASN B 286 -20.79 -16.04 3.81
CA ASN B 286 -21.21 -16.07 5.24
C ASN B 286 -21.86 -14.78 5.69
N ARG B 287 -21.85 -13.73 4.87
CA ARG B 287 -22.34 -12.41 5.31
C ARG B 287 -23.86 -12.35 5.19
N THR B 288 -24.47 -11.47 5.95
CA THR B 288 -25.95 -11.33 5.96
C THR B 288 -26.40 -10.77 4.61
N SER B 289 -27.68 -10.86 4.29
CA SER B 289 -28.24 -10.21 3.07
C SER B 289 -28.81 -8.85 3.47
N PHE B 290 -29.15 -7.96 2.52
CA PHE B 290 -29.81 -6.67 2.84
C PHE B 290 -31.23 -6.96 3.32
N GLN B 291 -31.89 -8.01 2.79
CA GLN B 291 -33.25 -8.36 3.23
C GLN B 291 -33.26 -8.80 4.71
N ASN B 292 -32.26 -9.55 5.14
CA ASN B 292 -32.15 -10.00 6.55
C ASN B 292 -31.92 -8.78 7.47
N LEU B 293 -30.99 -7.90 7.12
CA LEU B 293 -30.77 -6.56 7.79
C LEU B 293 -32.09 -5.78 7.86
N ILE B 294 -32.80 -5.59 6.75
CA ILE B 294 -34.12 -4.90 6.81
C ILE B 294 -34.98 -5.54 7.89
N GLU B 295 -35.13 -6.88 7.89
CA GLU B 295 -36.02 -7.52 8.86
C GLU B 295 -35.47 -7.43 10.28
N GLY B 296 -34.17 -7.60 10.49
CA GLY B 296 -33.58 -7.49 11.85
C GLY B 296 -33.85 -6.11 12.47
N PHE B 297 -33.66 -5.04 11.71
CA PHE B 297 -33.91 -3.68 12.22
C PHE B 297 -35.42 -3.49 12.48
N GLU B 298 -36.28 -3.78 11.50
CA GLU B 298 -37.75 -3.67 11.64
C GLU B 298 -38.18 -4.37 12.92
N ALA B 299 -37.54 -5.48 13.26
CA ALA B 299 -37.81 -6.26 14.50
C ALA B 299 -37.48 -5.40 15.73
N LEU B 300 -36.40 -4.64 15.67
CA LEU B 300 -35.92 -3.78 16.79
C LEU B 300 -36.85 -2.57 16.95
N LEU B 301 -37.43 -2.06 15.87
CA LEU B 301 -38.33 -0.87 15.87
C LEU B 301 -39.76 -1.19 16.32
N LYS B 302 -40.19 -2.46 16.40
CA LYS B 302 -41.58 -2.81 16.77
C LYS B 302 -41.95 -2.20 18.13
C4 KGZ C . 28.83 2.52 0.32
C14 KGZ C . 22.49 3.81 1.07
C5 KGZ C . 30.00 2.78 -0.35
C6 KGZ C . 31.37 2.62 0.16
C11 KGZ C . 31.50 5.74 -5.29
C7 KGZ C . 29.63 3.20 -1.61
C8 KGZ C . 30.11 4.14 -3.82
C9 KGZ C . 31.23 4.35 -4.77
C10 KGZ C . 30.93 4.75 -6.20
C12 KGZ C . 26.07 2.62 1.12
C13 KGZ C . 24.58 2.66 1.41
N1 KGZ C . 26.60 -0.86 0.13
N2 KGZ C . 27.81 2.77 -0.54
C3 KGZ C . 26.39 2.66 -0.39
N3 KGZ C . 31.55 2.16 1.39
C1 KGZ C . 26.30 0.18 -0.31
C2 KGZ C . 25.86 1.42 -0.96
O1 KGZ C . 32.31 2.82 -0.57
N4 KGZ C . 30.49 3.60 -2.65
O2 KGZ C . 28.92 4.39 -4.06
N5 KGZ C . 28.32 3.20 -1.71
N6 KGZ C . 23.94 3.84 0.83
C15 KGZ C . 22.12 4.20 2.47
C16 KGZ C . 22.29 5.50 2.93
C17 KGZ C . 21.95 5.85 4.22
C18 KGZ C . 21.44 4.90 5.11
C19 KGZ C . 21.08 5.25 6.50
C20 KGZ C . 20.14 4.54 7.17
C21 KGZ C . 19.90 4.66 8.64
C22 KGZ C . 21.02 5.32 9.33
C23 KGZ C . 21.46 6.60 8.64
C24 KGZ C . 21.82 6.37 7.17
C25 KGZ C . 21.30 3.59 4.64
C26 KGZ C . 21.61 3.25 3.34
C27 KGZ C . 24.20 3.91 -0.61
C28 KGZ C . 25.67 3.91 -0.90
F1 KGZ C . 26.25 5.02 -0.29
C4 KGZ D . -24.61 15.49 -3.77
C14 KGZ D . -18.35 13.77 -4.38
C5 KGZ D . -25.54 16.40 -3.32
C6 KGZ D . -26.90 16.72 -3.84
C11 KGZ D . -25.19 21.08 0.47
C7 KGZ D . -24.94 17.05 -2.23
C8 KGZ D . -24.82 18.75 -0.51
C9 KGZ D . -25.66 19.65 0.28
C10 KGZ D . -25.15 20.15 1.62
C12 KGZ D . -22.09 14.24 -4.30
C13 KGZ D . -20.75 13.54 -4.48
N1 KGZ D . -24.01 11.77 -2.33
N2 KGZ D . -23.52 15.60 -2.93
C3 KGZ D . -22.27 14.89 -2.91
N3 KGZ D . -27.35 16.03 -4.88
C1 KGZ D . -23.27 12.61 -2.25
C2 KGZ D . -22.28 13.65 -1.98
O1 KGZ D . -27.57 17.56 -3.28
N4 KGZ D . -25.48 18.04 -1.43
O2 KGZ D . -23.60 18.63 -0.36
N5 KGZ D . -23.73 16.55 -2.00
N6 KGZ D . -19.64 14.47 -4.27
C15 KGZ D . -17.91 13.57 -5.81
C16 KGZ D . -17.55 14.66 -6.59
C17 KGZ D . -17.18 14.48 -7.91
C18 KGZ D . -17.16 13.20 -8.48
C19 KGZ D . -16.76 13.02 -9.90
C20 KGZ D . -16.25 11.86 -10.34
C21 KGZ D . -15.98 11.61 -11.79
C22 KGZ D . -16.92 12.38 -12.62
C23 KGZ D . -16.84 13.87 -12.33
C24 KGZ D . -16.96 14.17 -10.83
C25 KGZ D . -17.55 12.12 -7.69
C26 KGZ D . -17.92 12.30 -6.37
C27 KGZ D . -19.75 15.08 -2.95
C28 KGZ D . -21.06 15.82 -2.82
F1 KGZ D . -21.14 16.78 -3.85
#